data_7U2E
#
_entry.id   7U2E
#
_cell.length_a   101.006
_cell.length_b   101.006
_cell.length_c   79.909
_cell.angle_alpha   90.000
_cell.angle_beta   90.000
_cell.angle_gamma   90.000
#
_symmetry.space_group_name_H-M   'P 41'
#
loop_
_entity.id
_entity.type
_entity.pdbx_description
1 polymer 'Spike protein S1'
2 polymer 'ADI-55688 heavy chain'
3 polymer 'ADI-55688 light chain'
4 non-polymer 2-acetamido-2-deoxy-beta-D-glucopyranose
5 non-polymer 'SULFATE ION'
#
loop_
_entity_poly.entity_id
_entity_poly.type
_entity_poly.pdbx_seq_one_letter_code
_entity_poly.pdbx_strand_id
1 'polypeptide(L)'
;TNLCPFGEVFNATRFASVYAWNRKRISNCVADYSVLYNSASFSTFKCYGVSPTKLNDLCFTNVYADSFVIRGDEVRQIAP
GQTGKIADYNYKLPDDFTGCVIAWNSNNLDSKVGGNYNYLYRLFRKSNLKPFERDISTEIYQAGSTPCNGVEGFNCYFPL
QSYGFQPTNGVGYQPYRVVVLSFELLHAPATVCGPKKSGHHHHHH
;
A
2 'polypeptide(L)'
;EVQLVESGGGLVKPGGSLRLSCAASGFTFSSYYMNWVRQAPGKGLEWVSSISSDGYNTYYPDSLKGRFTISRDSAKNSLY
LQMNSLRADDTAVYYCARDFSGHTAVAGTGFEYWGQGTLVTVSSASTKGPSVFPLAPSSKSTSGGTAALGCLVKDYFPEP
VTVSWNSGALTSGVHTFPAVLQSSGLYSLSSVVTVPSSSLGTQTYICNVNHKPSNTKVDKKVEPKSC
;
H
3 'polypeptide(L)'
;QPVLTQPPSVSGAPGQRITISCTGSSSNIGAGYDVHWYQQLPGTAPKLLIYGSSSRPSGVPDRFSGSKSGTSASLAITGL
QAEDEADYYCQSYDSSLSVLYVFGTGTKVTVLGQPKAAPSVTLFPPSSEELQANKATLVCLISDFYPGAVTVAWKADSSP
VKAGVETTTPSKQSNNKYAASSYLSLTPEQWKSHRSYSCQVTHEGSTVEKTVAPTECS
;
L
#
# COMPACT_ATOMS: atom_id res chain seq x y z
N ASN A 2 -1.13 -11.06 54.85
CA ASN A 2 -1.63 -9.71 54.57
C ASN A 2 -1.10 -9.21 53.23
N LEU A 3 -1.22 -10.03 52.20
CA LEU A 3 -0.78 -9.63 50.86
C LEU A 3 -1.78 -8.65 50.25
N CYS A 4 -1.27 -7.66 49.53
CA CYS A 4 -2.14 -6.69 48.89
C CYS A 4 -2.97 -7.36 47.81
N PRO A 5 -4.26 -7.07 47.73
CA PRO A 5 -5.15 -7.79 46.80
C PRO A 5 -5.08 -7.25 45.37
N PHE A 6 -3.87 -7.30 44.80
CA PHE A 6 -3.72 -6.94 43.39
C PHE A 6 -4.26 -8.02 42.47
N GLY A 7 -4.50 -9.23 42.99
CA GLY A 7 -5.01 -10.29 42.15
C GLY A 7 -6.39 -10.02 41.61
N GLU A 8 -7.30 -9.56 42.48
CA GLU A 8 -8.68 -9.35 42.06
C GLU A 8 -8.85 -8.15 41.14
N VAL A 9 -7.79 -7.41 40.90
CA VAL A 9 -7.91 -6.30 39.99
C VAL A 9 -7.49 -6.65 38.60
N PHE A 10 -6.30 -7.21 38.49
CA PHE A 10 -5.72 -7.68 37.26
C PHE A 10 -6.36 -8.93 36.71
N ASN A 11 -6.60 -9.89 37.60
CA ASN A 11 -7.21 -11.17 37.20
C ASN A 11 -8.74 -11.18 37.24
N ALA A 12 -9.35 -10.00 37.30
CA ALA A 12 -10.79 -9.93 37.30
C ALA A 12 -11.39 -10.39 36.01
N THR A 13 -12.59 -10.92 36.07
CA THR A 13 -13.26 -11.41 34.87
C THR A 13 -13.81 -10.27 34.03
N ARG A 14 -14.45 -9.29 34.67
CA ARG A 14 -15.11 -8.19 33.98
C ARG A 14 -14.41 -6.88 34.28
N PHE A 15 -14.31 -6.02 33.26
CA PHE A 15 -13.69 -4.71 33.38
C PHE A 15 -14.71 -3.63 33.04
N ALA A 16 -14.57 -2.48 33.69
CA ALA A 16 -15.52 -1.39 33.51
C ALA A 16 -15.18 -0.54 32.29
N SER A 17 -16.15 0.26 31.87
CA SER A 17 -15.94 1.19 30.77
C SER A 17 -15.02 2.33 31.21
N VAL A 18 -14.38 2.96 30.22
CA VAL A 18 -13.40 4.00 30.53
C VAL A 18 -14.07 5.23 31.13
N TYR A 19 -15.27 5.58 30.65
CA TYR A 19 -15.97 6.73 31.22
C TYR A 19 -16.41 6.45 32.66
N ALA A 20 -16.63 5.19 32.99
CA ALA A 20 -17.02 4.79 34.34
C ALA A 20 -15.94 3.89 34.94
N TRP A 21 -14.68 4.30 34.80
CA TRP A 21 -13.54 3.46 35.18
C TRP A 21 -13.64 3.05 36.65
N ASN A 22 -13.32 1.78 36.92
CA ASN A 22 -13.43 1.26 38.27
C ASN A 22 -12.20 1.62 39.09
N ARG A 23 -12.39 1.90 40.37
CA ARG A 23 -11.31 2.27 41.26
C ARG A 23 -11.33 1.38 42.50
N LYS A 24 -10.18 0.81 42.82
CA LYS A 24 -9.98 0.07 44.07
C LYS A 24 -8.83 0.71 44.84
N ARG A 25 -8.93 0.68 46.17
CA ARG A 25 -7.90 1.26 47.02
C ARG A 25 -7.16 0.16 47.76
N ILE A 26 -5.85 0.34 47.92
CA ILE A 26 -4.97 -0.64 48.54
C ILE A 26 -4.45 -0.05 49.85
N SER A 27 -4.65 -0.78 50.95
CA SER A 27 -4.23 -0.30 52.25
C SER A 27 -4.00 -1.47 53.19
N ASN A 28 -3.15 -1.24 54.19
CA ASN A 28 -2.89 -2.18 55.28
C ASN A 28 -2.46 -3.55 54.74
N CYS A 29 -1.44 -3.53 53.89
CA CYS A 29 -0.92 -4.76 53.31
C CYS A 29 0.48 -4.51 52.77
N VAL A 30 1.18 -5.59 52.45
CA VAL A 30 2.48 -5.54 51.81
C VAL A 30 2.30 -5.97 50.36
N ALA A 31 2.85 -5.20 49.43
CA ALA A 31 2.67 -5.44 48.01
C ALA A 31 3.97 -5.95 47.40
N ASP A 32 3.89 -7.12 46.77
CA ASP A 32 5.04 -7.70 46.06
C ASP A 32 4.95 -7.26 44.61
N TYR A 33 5.58 -6.12 44.31
CA TYR A 33 5.56 -5.60 42.95
C TYR A 33 6.38 -6.45 41.98
N SER A 34 7.25 -7.32 42.50
CA SER A 34 8.05 -8.18 41.63
C SER A 34 7.18 -9.10 40.80
N VAL A 35 6.02 -9.51 41.33
CA VAL A 35 5.10 -10.34 40.56
C VAL A 35 4.54 -9.57 39.37
N LEU A 36 4.53 -8.24 39.43
CA LEU A 36 3.95 -7.42 38.37
C LEU A 36 4.94 -7.13 37.26
N TYR A 37 6.07 -6.50 37.58
CA TYR A 37 7.00 -6.06 36.55
C TYR A 37 7.84 -7.21 35.97
N ASN A 38 7.89 -8.36 36.63
CA ASN A 38 8.59 -9.51 36.08
C ASN A 38 7.69 -10.37 35.18
N SER A 39 6.38 -10.16 35.21
CA SER A 39 5.47 -10.89 34.34
C SER A 39 5.38 -10.15 33.00
N ALA A 40 5.82 -10.82 31.93
CA ALA A 40 5.91 -10.20 30.61
C ALA A 40 4.59 -10.27 29.84
N SER A 41 3.46 -10.45 30.53
CA SER A 41 2.16 -10.53 29.89
C SER A 41 1.51 -9.16 29.69
N PHE A 42 2.31 -8.08 29.72
CA PHE A 42 1.80 -6.73 29.58
C PHE A 42 2.40 -6.08 28.35
N SER A 43 1.55 -5.52 27.49
CA SER A 43 2.04 -4.85 26.30
C SER A 43 2.78 -3.57 26.66
N THR A 44 2.23 -2.76 27.56
CA THR A 44 2.86 -1.54 28.01
C THR A 44 2.96 -1.54 29.53
N PHE A 45 4.11 -1.11 30.05
CA PHE A 45 4.35 -1.02 31.48
C PHE A 45 5.27 0.19 31.69
N LYS A 46 4.68 1.34 31.94
CA LYS A 46 5.44 2.60 32.00
C LYS A 46 5.17 3.29 33.32
N CYS A 47 6.23 3.59 34.06
CA CYS A 47 6.12 4.22 35.37
C CYS A 47 6.71 5.63 35.34
N TYR A 48 6.05 6.55 36.01
CA TYR A 48 6.44 7.96 36.06
C TYR A 48 6.69 8.35 37.51
N GLY A 49 7.86 8.94 37.76
CA GLY A 49 8.24 9.38 39.08
C GLY A 49 8.75 8.29 40.00
N VAL A 50 8.81 7.05 39.53
CA VAL A 50 9.26 5.91 40.33
C VAL A 50 9.56 4.75 39.40
N SER A 51 10.53 3.91 39.77
CA SER A 51 10.82 2.75 38.95
C SER A 51 10.18 1.51 39.54
N PRO A 52 9.91 0.48 38.73
CA PRO A 52 9.32 -0.75 39.28
C PRO A 52 10.16 -1.38 40.37
N THR A 53 11.48 -1.26 40.31
CA THR A 53 12.34 -1.88 41.32
C THR A 53 12.19 -1.22 42.68
N LYS A 54 12.44 0.10 42.75
CA LYS A 54 12.38 0.79 44.03
C LYS A 54 10.99 0.74 44.66
N LEU A 55 9.96 0.45 43.87
CA LEU A 55 8.62 0.28 44.43
C LEU A 55 8.59 -0.80 45.51
N ASN A 56 9.44 -1.83 45.37
CA ASN A 56 9.47 -2.90 46.36
C ASN A 56 10.21 -2.50 47.63
N ASP A 57 10.86 -1.34 47.66
CA ASP A 57 11.60 -0.87 48.82
C ASP A 57 10.99 0.38 49.45
N LEU A 58 9.83 0.83 48.97
CA LEU A 58 9.21 2.06 49.45
C LEU A 58 7.86 1.75 50.08
N CYS A 59 7.32 2.75 50.76
CA CYS A 59 6.00 2.70 51.37
C CYS A 59 5.20 3.92 50.95
N PHE A 60 3.88 3.76 50.93
CA PHE A 60 2.98 4.84 50.55
C PHE A 60 1.73 4.79 51.41
N THR A 61 1.05 5.93 51.51
CA THR A 61 -0.14 6.02 52.35
C THR A 61 -1.38 5.52 51.63
N ASN A 62 -1.66 6.07 50.44
CA ASN A 62 -2.79 5.62 49.64
C ASN A 62 -2.33 5.25 48.24
N VAL A 63 -2.73 4.05 47.81
CA VAL A 63 -2.49 3.52 46.48
C VAL A 63 -3.83 3.16 45.87
N TYR A 64 -4.01 3.53 44.60
CA TYR A 64 -5.27 3.33 43.90
C TYR A 64 -5.01 2.60 42.60
N ALA A 65 -5.76 1.53 42.36
CA ALA A 65 -5.74 0.81 41.09
C ALA A 65 -7.00 1.17 40.32
N ASP A 66 -6.82 1.84 39.18
CA ASP A 66 -7.92 2.21 38.31
C ASP A 66 -7.92 1.28 37.11
N SER A 67 -9.01 0.54 36.94
CA SER A 67 -9.14 -0.46 35.89
C SER A 67 -10.17 0.00 34.87
N PHE A 68 -9.84 -0.12 33.59
CA PHE A 68 -10.78 0.15 32.52
C PHE A 68 -10.32 -0.55 31.24
N VAL A 69 -11.09 -0.37 30.18
CA VAL A 69 -10.81 -0.96 28.88
C VAL A 69 -10.90 0.14 27.82
N ILE A 70 -9.92 0.19 26.93
CA ILE A 70 -9.87 1.19 25.87
C ILE A 70 -9.42 0.54 24.57
N ARG A 71 -9.28 1.37 23.54
CA ARG A 71 -8.73 0.94 22.27
C ARG A 71 -7.20 0.86 22.36
N GLY A 72 -6.61 0.10 21.44
CA GLY A 72 -5.16 0.00 21.41
C GLY A 72 -4.49 1.33 21.12
N ASP A 73 -4.89 1.96 20.03
CA ASP A 73 -4.31 3.24 19.64
C ASP A 73 -4.67 4.38 20.58
N GLU A 74 -5.43 4.10 21.63
CA GLU A 74 -5.72 5.07 22.68
C GLU A 74 -4.90 4.86 23.94
N VAL A 75 -4.14 3.76 24.02
CA VAL A 75 -3.31 3.52 25.20
C VAL A 75 -2.28 4.63 25.37
N ARG A 76 -1.86 5.25 24.26
CA ARG A 76 -0.93 6.36 24.34
C ARG A 76 -1.51 7.55 25.13
N GLN A 77 -2.84 7.67 25.16
CA GLN A 77 -3.44 8.82 25.83
C GLN A 77 -3.38 8.70 27.35
N ILE A 78 -3.13 7.50 27.88
CA ILE A 78 -3.05 7.32 29.34
C ILE A 78 -1.61 7.60 29.73
N ALA A 79 -1.31 8.89 29.89
CA ALA A 79 0.02 9.38 30.22
C ALA A 79 -0.07 10.84 30.62
N PRO A 80 0.81 11.33 31.49
CA PRO A 80 0.77 12.74 31.88
C PRO A 80 0.98 13.66 30.68
N GLY A 81 0.26 14.78 30.68
CA GLY A 81 0.40 15.76 29.62
C GLY A 81 0.01 15.26 28.26
N GLN A 82 -1.10 14.54 28.15
CA GLN A 82 -1.57 13.98 26.89
C GLN A 82 -2.95 14.54 26.56
N THR A 83 -3.19 14.72 25.26
CA THR A 83 -4.46 15.23 24.76
C THR A 83 -5.10 14.19 23.85
N GLY A 84 -6.41 14.21 23.79
CA GLY A 84 -7.17 13.24 23.01
C GLY A 84 -8.53 13.00 23.65
N LYS A 85 -9.35 12.26 22.92
CA LYS A 85 -10.73 12.00 23.36
C LYS A 85 -10.75 11.34 24.74
N ILE A 86 -10.01 10.24 24.88
CA ILE A 86 -10.00 9.50 26.15
C ILE A 86 -9.40 10.35 27.25
N ALA A 87 -8.26 10.98 26.98
CA ALA A 87 -7.60 11.79 28.00
C ALA A 87 -8.43 13.00 28.38
N ASP A 88 -9.04 13.67 27.40
CA ASP A 88 -9.76 14.91 27.69
C ASP A 88 -11.13 14.65 28.32
N TYR A 89 -11.79 13.54 27.99
CA TYR A 89 -13.17 13.34 28.41
C TYR A 89 -13.43 12.12 29.27
N ASN A 90 -12.49 11.18 29.35
CA ASN A 90 -12.73 9.94 30.09
C ASN A 90 -11.81 9.75 31.28
N TYR A 91 -10.50 9.81 31.05
CA TYR A 91 -9.53 9.58 32.12
C TYR A 91 -8.33 10.47 31.90
N LYS A 92 -8.06 11.37 32.85
CA LYS A 92 -6.99 12.36 32.74
C LYS A 92 -5.96 12.12 33.84
N LEU A 93 -4.70 12.05 33.45
CA LEU A 93 -3.62 11.93 34.41
C LEU A 93 -2.95 13.28 34.64
N PRO A 94 -2.54 13.58 35.87
CA PRO A 94 -1.93 14.90 36.14
C PRO A 94 -0.51 14.97 35.61
N ASP A 95 -0.03 16.21 35.46
CA ASP A 95 1.33 16.41 34.99
C ASP A 95 2.35 15.88 35.99
N ASP A 96 2.06 16.02 37.29
CA ASP A 96 2.95 15.53 38.35
C ASP A 96 2.65 14.10 38.75
N PHE A 97 2.09 13.30 37.84
CA PHE A 97 1.65 11.95 38.17
C PHE A 97 2.82 11.10 38.67
N THR A 98 2.58 10.38 39.77
CA THR A 98 3.55 9.45 40.33
C THR A 98 2.88 8.08 40.40
N GLY A 99 3.34 7.17 39.55
CA GLY A 99 2.73 5.85 39.51
C GLY A 99 2.96 5.19 38.17
N CYS A 100 2.37 4.02 38.02
CA CYS A 100 2.60 3.18 36.86
C CYS A 100 1.32 2.99 36.06
N VAL A 101 1.48 2.83 34.75
CA VAL A 101 0.40 2.52 33.82
C VAL A 101 0.72 1.19 33.17
N ILE A 102 -0.21 0.24 33.26
CA ILE A 102 -0.04 -1.10 32.74
C ILE A 102 -1.19 -1.37 31.79
N ALA A 103 -0.87 -1.87 30.59
CA ALA A 103 -1.89 -2.15 29.59
C ALA A 103 -1.55 -3.44 28.88
N TRP A 104 -2.54 -4.32 28.73
CA TRP A 104 -2.32 -5.58 28.02
C TRP A 104 -3.50 -5.85 27.10
N ASN A 105 -3.20 -6.49 25.97
CA ASN A 105 -4.22 -6.83 24.99
C ASN A 105 -5.21 -7.84 25.58
N SER A 106 -6.49 -7.62 25.28
CA SER A 106 -7.56 -8.49 25.77
C SER A 106 -8.54 -8.81 24.65
N ASN A 107 -8.01 -9.10 23.46
CA ASN A 107 -8.88 -9.42 22.32
C ASN A 107 -9.66 -10.72 22.57
N ASN A 108 -9.01 -11.74 23.14
CA ASN A 108 -9.67 -13.01 23.36
C ASN A 108 -10.75 -12.92 24.44
N LEU A 109 -10.71 -11.90 25.29
CA LEU A 109 -11.65 -11.77 26.40
C LEU A 109 -12.75 -10.74 26.17
N ASP A 110 -12.42 -9.61 25.55
CA ASP A 110 -13.37 -8.51 25.43
C ASP A 110 -13.87 -8.29 24.00
N SER A 111 -13.58 -9.20 23.08
CA SER A 111 -14.06 -9.11 21.71
C SER A 111 -14.93 -10.31 21.39
N LYS A 112 -15.91 -10.10 20.52
CA LYS A 112 -16.80 -11.17 20.10
C LYS A 112 -17.21 -10.95 18.64
N VAL A 113 -17.55 -12.04 17.97
CA VAL A 113 -17.97 -11.96 16.59
C VAL A 113 -19.30 -11.22 16.49
N GLY A 114 -19.40 -10.29 15.54
CA GLY A 114 -20.54 -9.42 15.43
C GLY A 114 -20.44 -8.14 16.21
N GLY A 115 -19.38 -7.97 17.01
CA GLY A 115 -19.17 -6.73 17.74
C GLY A 115 -19.57 -6.79 19.19
N ASN A 116 -18.68 -6.35 20.07
CA ASN A 116 -18.97 -6.20 21.50
C ASN A 116 -19.18 -4.71 21.76
N TYR A 117 -20.42 -4.34 22.09
CA TYR A 117 -20.80 -2.95 22.21
C TYR A 117 -21.06 -2.52 23.66
N ASN A 118 -20.68 -3.35 24.63
CA ASN A 118 -20.92 -3.00 26.02
C ASN A 118 -20.02 -1.86 26.48
N TYR A 119 -18.76 -1.85 26.03
CA TYR A 119 -17.84 -0.80 26.44
C TYR A 119 -18.16 0.51 25.75
N LEU A 120 -18.15 1.60 26.51
CA LEU A 120 -18.49 2.91 26.03
C LEU A 120 -17.45 3.92 26.46
N TYR A 121 -17.37 5.02 25.71
CA TYR A 121 -16.49 6.14 26.04
C TYR A 121 -17.24 7.45 25.79
N ARG A 122 -16.81 8.49 26.50
CA ARG A 122 -17.44 9.79 26.38
C ARG A 122 -16.87 10.54 25.18
N LEU A 123 -17.76 11.01 24.31
CA LEU A 123 -17.34 11.64 23.06
C LEU A 123 -17.25 13.16 23.15
N PHE A 124 -18.17 13.79 23.88
CA PHE A 124 -18.21 15.24 23.96
C PHE A 124 -18.33 15.68 25.41
N ARG A 125 -17.76 16.84 25.71
CA ARG A 125 -17.92 17.49 26.99
C ARG A 125 -17.72 18.99 26.81
N LYS A 126 -18.33 19.76 27.72
CA LYS A 126 -18.20 21.22 27.66
C LYS A 126 -16.77 21.66 27.95
N SER A 127 -16.12 21.03 28.93
CA SER A 127 -14.78 21.39 29.35
C SER A 127 -13.92 20.15 29.49
N ASN A 128 -12.62 20.36 29.56
CA ASN A 128 -11.68 19.25 29.73
C ASN A 128 -11.83 18.65 31.13
N LEU A 129 -11.48 17.37 31.23
CA LEU A 129 -11.62 16.64 32.48
C LEU A 129 -10.41 16.90 33.39
N LYS A 130 -10.68 17.23 34.65
CA LYS A 130 -9.62 17.39 35.62
C LYS A 130 -9.04 16.03 35.99
N PRO A 131 -7.80 15.99 36.47
CA PRO A 131 -7.17 14.70 36.80
C PRO A 131 -7.98 13.91 37.82
N PHE A 132 -8.10 12.61 37.57
CA PHE A 132 -8.80 11.65 38.42
C PHE A 132 -10.29 11.95 38.57
N GLU A 133 -10.79 12.95 37.84
CA GLU A 133 -12.21 13.25 37.87
C GLU A 133 -12.98 12.21 37.06
N ARG A 134 -14.09 11.75 37.61
N ARG A 134 -14.08 11.72 37.61
CA ARG A 134 -14.92 10.72 36.97
CA ARG A 134 -14.92 10.74 36.95
C ARG A 134 -16.29 11.33 36.67
C ARG A 134 -16.28 11.35 36.66
N ASP A 135 -16.70 11.28 35.39
CA ASP A 135 -17.98 11.80 34.95
C ASP A 135 -18.80 10.66 34.36
N ILE A 136 -20.00 10.45 34.91
CA ILE A 136 -20.90 9.41 34.44
C ILE A 136 -22.25 10.00 34.03
N SER A 137 -22.33 11.32 33.87
CA SER A 137 -23.57 11.94 33.44
C SER A 137 -23.89 11.58 31.99
N THR A 138 -25.17 11.41 31.70
CA THR A 138 -25.64 11.05 30.37
C THR A 138 -26.52 12.13 29.74
N GLU A 139 -26.37 13.38 30.18
CA GLU A 139 -27.17 14.46 29.64
C GLU A 139 -26.77 14.76 28.19
N ILE A 140 -27.73 15.28 27.42
CA ILE A 140 -27.50 15.55 26.01
C ILE A 140 -26.54 16.73 25.88
N TYR A 141 -25.52 16.56 25.04
CA TYR A 141 -24.50 17.59 24.84
C TYR A 141 -25.01 18.61 23.84
N GLN A 142 -25.04 19.88 24.26
CA GLN A 142 -25.41 20.98 23.37
C GLN A 142 -24.18 21.40 22.58
N ALA A 143 -24.22 21.20 21.26
CA ALA A 143 -23.07 21.45 20.40
C ALA A 143 -23.20 22.74 19.61
N GLY A 144 -23.97 23.71 20.10
CA GLY A 144 -24.09 24.96 19.38
C GLY A 144 -25.15 25.91 19.91
N SER A 145 -25.80 26.62 18.99
CA SER A 145 -26.71 27.71 19.36
C SER A 145 -27.96 27.18 20.06
N THR A 146 -28.75 26.36 19.36
CA THR A 146 -30.07 25.99 19.85
C THR A 146 -29.97 24.96 20.98
N PRO A 147 -30.82 25.06 21.99
CA PRO A 147 -30.90 24.00 23.01
C PRO A 147 -31.49 22.73 22.43
N CYS A 148 -31.33 21.64 23.18
CA CYS A 148 -31.79 20.33 22.75
C CYS A 148 -33.08 19.88 23.39
N ASN A 149 -33.37 20.33 24.62
CA ASN A 149 -34.57 19.95 25.36
C ASN A 149 -34.64 18.45 25.64
N GLY A 150 -33.53 17.74 25.47
CA GLY A 150 -33.49 16.31 25.71
C GLY A 150 -33.61 15.43 24.48
N VAL A 151 -33.50 16.00 23.27
CA VAL A 151 -33.58 15.24 22.05
C VAL A 151 -32.31 15.46 21.23
N GLU A 152 -32.04 14.52 20.33
CA GLU A 152 -30.87 14.60 19.47
C GLU A 152 -31.23 15.31 18.17
N GLY A 153 -30.21 15.53 17.33
CA GLY A 153 -30.44 16.16 16.04
C GLY A 153 -29.41 17.21 15.67
N PHE A 154 -29.88 18.38 15.26
CA PHE A 154 -29.00 19.46 14.82
C PHE A 154 -28.16 19.95 16.00
N ASN A 155 -26.86 19.65 15.96
CA ASN A 155 -25.92 20.04 17.01
C ASN A 155 -26.38 19.57 18.39
N CYS A 156 -26.94 18.36 18.43
CA CYS A 156 -27.41 17.74 19.67
C CYS A 156 -27.11 16.25 19.57
N TYR A 157 -26.11 15.79 20.32
CA TYR A 157 -25.66 14.41 20.24
C TYR A 157 -25.58 13.80 21.63
N PHE A 158 -25.73 12.49 21.69
CA PHE A 158 -25.52 11.77 22.94
C PHE A 158 -24.03 11.75 23.26
N PRO A 159 -23.63 12.10 24.49
CA PRO A 159 -22.20 12.21 24.79
C PRO A 159 -21.46 10.88 24.74
N LEU A 160 -22.15 9.76 24.87
CA LEU A 160 -21.52 8.45 25.01
C LEU A 160 -21.65 7.65 23.73
N GLN A 161 -20.55 7.06 23.27
CA GLN A 161 -20.54 6.23 22.08
C GLN A 161 -19.92 4.88 22.42
N SER A 162 -20.36 3.85 21.71
CA SER A 162 -19.89 2.49 21.95
C SER A 162 -18.64 2.19 21.14
N TYR A 163 -17.86 1.22 21.63
CA TYR A 163 -16.59 0.89 21.00
C TYR A 163 -16.76 -0.05 19.83
N GLY A 164 -17.42 -1.19 20.04
CA GLY A 164 -17.58 -2.17 18.98
C GLY A 164 -16.32 -2.97 18.69
N PHE A 165 -15.90 -3.78 19.65
CA PHE A 165 -14.70 -4.59 19.50
C PHE A 165 -15.00 -5.88 18.75
N GLN A 166 -14.16 -6.21 17.78
CA GLN A 166 -14.29 -7.45 17.03
C GLN A 166 -12.95 -8.18 17.00
N PRO A 167 -12.96 -9.52 17.02
CA PRO A 167 -11.70 -10.27 17.03
C PRO A 167 -10.84 -10.06 15.79
N THR A 168 -11.46 -9.82 14.64
CA THR A 168 -10.73 -9.70 13.38
C THR A 168 -10.19 -8.31 13.12
N ASN A 169 -10.42 -7.36 14.03
CA ASN A 169 -9.95 -6.00 13.83
C ASN A 169 -8.43 -5.92 14.00
N GLY A 170 -7.87 -4.82 13.51
CA GLY A 170 -6.44 -4.57 13.68
C GLY A 170 -6.08 -4.29 15.12
N VAL A 171 -4.77 -4.34 15.39
CA VAL A 171 -4.28 -4.22 16.76
C VAL A 171 -4.63 -2.87 17.35
N GLY A 172 -4.78 -1.84 16.50
CA GLY A 172 -5.18 -0.54 17.00
C GLY A 172 -6.62 -0.49 17.44
N TYR A 173 -7.46 -1.36 16.87
CA TYR A 173 -8.87 -1.40 17.23
C TYR A 173 -9.17 -2.44 18.32
N GLN A 174 -8.26 -3.37 18.56
CA GLN A 174 -8.51 -4.42 19.53
C GLN A 174 -8.58 -3.86 20.95
N PRO A 175 -9.42 -4.43 21.81
CA PRO A 175 -9.53 -3.93 23.17
C PRO A 175 -8.27 -4.17 23.97
N TYR A 176 -7.99 -3.25 24.89
CA TYR A 176 -6.86 -3.34 25.81
C TYR A 176 -7.34 -3.03 27.21
N ARG A 177 -6.91 -3.87 28.16
CA ARG A 177 -7.22 -3.66 29.57
C ARG A 177 -6.10 -2.86 30.22
N VAL A 178 -6.47 -1.80 30.91
CA VAL A 178 -5.52 -0.84 31.48
C VAL A 178 -5.76 -0.74 32.98
N VAL A 179 -4.68 -0.88 33.75
CA VAL A 179 -4.67 -0.66 35.19
C VAL A 179 -3.66 0.44 35.49
N VAL A 180 -4.10 1.48 36.17
CA VAL A 180 -3.25 2.59 36.57
C VAL A 180 -3.07 2.52 38.08
N LEU A 181 -1.83 2.34 38.51
CA LEU A 181 -1.48 2.31 39.92
C LEU A 181 -0.96 3.69 40.31
N SER A 182 -1.65 4.34 41.25
CA SER A 182 -1.29 5.67 41.72
C SER A 182 -0.91 5.57 43.20
N PHE A 183 0.32 5.96 43.52
CA PHE A 183 0.80 6.01 44.90
C PHE A 183 1.01 7.47 45.27
N GLU A 184 0.41 7.90 46.38
CA GLU A 184 0.44 9.33 46.70
C GLU A 184 1.39 9.72 47.82
N LEU A 185 1.41 8.97 48.93
CA LEU A 185 2.21 9.30 50.11
C LEU A 185 1.85 10.69 50.65
N LEU A 186 0.61 10.77 51.13
CA LEU A 186 0.08 11.97 51.76
C LEU A 186 0.52 12.01 53.23
N HIS A 187 0.17 13.10 53.93
CA HIS A 187 0.46 13.21 55.36
C HIS A 187 -0.48 12.27 56.12
N ALA A 188 -0.12 11.00 56.11
CA ALA A 188 -0.95 9.94 56.68
C ALA A 188 -0.06 8.73 56.93
N PRO A 189 -0.53 7.76 57.71
CA PRO A 189 0.24 6.51 57.87
C PRO A 189 0.45 5.82 56.54
N ALA A 190 1.65 5.26 56.37
CA ALA A 190 2.00 4.53 55.14
C ALA A 190 1.58 3.08 55.31
N THR A 191 0.31 2.80 54.95
CA THR A 191 -0.28 1.50 55.21
C THR A 191 0.26 0.42 54.29
N VAL A 192 0.71 0.77 53.09
CA VAL A 192 1.23 -0.20 52.14
C VAL A 192 2.74 -0.09 52.08
N CYS A 193 3.40 -1.23 51.88
CA CYS A 193 4.85 -1.30 51.85
C CYS A 193 5.27 -2.45 50.94
N GLY A 194 6.58 -2.64 50.83
CA GLY A 194 7.14 -3.73 50.06
C GLY A 194 8.14 -4.53 50.87
N PRO A 195 8.34 -5.80 50.50
CA PRO A 195 9.26 -6.69 51.24
C PRO A 195 10.72 -6.28 51.08
N GLU B 1 -15.58 7.40 -6.12
CA GLU B 1 -15.59 8.69 -5.45
C GLU B 1 -14.33 8.86 -4.60
N VAL B 2 -13.70 7.75 -4.24
CA VAL B 2 -12.50 7.77 -3.42
C VAL B 2 -11.30 7.91 -4.34
N GLN B 3 -10.63 9.06 -4.26
CA GLN B 3 -9.44 9.35 -5.06
C GLN B 3 -8.22 9.35 -4.14
N LEU B 4 -7.16 8.65 -4.58
CA LEU B 4 -5.85 8.70 -3.93
C LEU B 4 -4.80 8.90 -5.00
N VAL B 5 -4.10 10.03 -4.95
CA VAL B 5 -3.11 10.39 -5.96
C VAL B 5 -1.75 10.57 -5.28
N GLU B 6 -0.74 9.87 -5.79
CA GLU B 6 0.60 9.91 -5.23
C GLU B 6 1.51 10.82 -6.05
N SER B 7 2.54 11.35 -5.40
CA SER B 7 3.52 12.21 -6.03
C SER B 7 4.79 12.20 -5.20
N GLY B 8 5.87 12.70 -5.81
CA GLY B 8 7.15 12.80 -5.14
C GLY B 8 8.17 11.76 -5.55
N GLY B 9 7.77 10.75 -6.32
CA GLY B 9 8.70 9.73 -6.74
C GLY B 9 9.68 10.26 -7.78
N GLY B 10 10.78 9.53 -7.93
CA GLY B 10 11.82 9.91 -8.87
C GLY B 10 13.14 9.27 -8.49
N LEU B 11 14.22 9.96 -8.85
CA LEU B 11 15.57 9.49 -8.55
C LEU B 11 16.04 9.99 -7.20
N VAL B 12 16.72 9.12 -6.46
CA VAL B 12 17.32 9.48 -5.18
C VAL B 12 18.64 8.73 -5.05
N LYS B 13 19.69 9.44 -4.61
CA LYS B 13 20.98 8.81 -4.46
C LYS B 13 20.96 7.82 -3.29
N PRO B 14 21.76 6.75 -3.37
CA PRO B 14 21.82 5.79 -2.27
C PRO B 14 22.28 6.48 -0.98
N GLY B 15 21.60 6.16 0.11
CA GLY B 15 21.82 6.82 1.38
C GLY B 15 21.04 8.11 1.57
N GLY B 16 20.42 8.62 0.51
CA GLY B 16 19.68 9.87 0.59
C GLY B 16 18.29 9.67 1.15
N SER B 17 17.53 10.77 1.15
CA SER B 17 16.18 10.80 1.70
C SER B 17 15.21 11.31 0.66
N LEU B 18 13.97 10.83 0.73
CA LEU B 18 12.93 11.25 -0.19
C LEU B 18 11.58 11.25 0.51
N ARG B 19 10.73 12.20 0.12
CA ARG B 19 9.40 12.34 0.69
C ARG B 19 8.36 12.07 -0.38
N LEU B 20 7.44 11.16 -0.08
CA LEU B 20 6.33 10.84 -0.97
C LEU B 20 5.03 11.38 -0.37
N SER B 21 4.22 12.02 -1.20
CA SER B 21 2.96 12.61 -0.78
C SER B 21 1.81 11.86 -1.45
N CYS B 22 0.68 11.80 -0.75
CA CYS B 22 -0.51 11.14 -1.28
C CYS B 22 -1.72 11.97 -0.87
N ALA B 23 -2.39 12.57 -1.85
CA ALA B 23 -3.61 13.34 -1.61
C ALA B 23 -4.83 12.42 -1.70
N ALA B 24 -5.74 12.60 -0.75
CA ALA B 24 -6.93 11.76 -0.62
C ALA B 24 -8.18 12.63 -0.69
N SER B 25 -9.20 12.14 -1.39
CA SER B 25 -10.45 12.87 -1.51
C SER B 25 -11.59 11.87 -1.65
N GLY B 26 -12.80 12.35 -1.34
CA GLY B 26 -14.00 11.55 -1.49
C GLY B 26 -14.46 10.82 -0.24
N PHE B 27 -13.80 11.02 0.89
CA PHE B 27 -14.19 10.35 2.12
C PHE B 27 -13.69 11.17 3.31
N THR B 28 -14.26 10.89 4.48
CA THR B 28 -13.82 11.53 5.72
C THR B 28 -12.39 11.08 6.01
N PHE B 29 -11.42 11.99 5.83
CA PHE B 29 -10.02 11.60 5.89
C PHE B 29 -9.62 11.13 7.28
N SER B 30 -10.08 11.82 8.32
CA SER B 30 -9.65 11.54 9.69
C SER B 30 -10.39 10.37 10.33
N SER B 31 -11.05 9.52 9.53
CA SER B 31 -11.81 8.39 10.05
C SER B 31 -11.25 7.04 9.65
N TYR B 32 -10.12 6.99 8.95
CA TYR B 32 -9.58 5.74 8.44
C TYR B 32 -8.09 5.64 8.70
N TYR B 33 -7.62 4.43 8.99
CA TYR B 33 -6.19 4.16 8.98
C TYR B 33 -5.66 4.30 7.56
N MET B 34 -4.41 4.74 7.46
CA MET B 34 -3.76 4.90 6.16
C MET B 34 -2.50 4.06 6.11
N ASN B 35 -2.13 3.62 4.91
CA ASN B 35 -1.01 2.70 4.76
C ASN B 35 -0.17 3.06 3.55
N TRP B 36 1.10 2.69 3.61
CA TRP B 36 2.01 2.72 2.47
C TRP B 36 2.46 1.29 2.21
N VAL B 37 2.36 0.86 0.95
CA VAL B 37 2.86 -0.44 0.51
C VAL B 37 3.74 -0.23 -0.71
N ARG B 38 4.58 -1.21 -1.00
CA ARG B 38 5.51 -1.08 -2.10
C ARG B 38 5.58 -2.38 -2.90
N GLN B 39 5.97 -2.25 -4.17
CA GLN B 39 6.10 -3.37 -5.09
C GLN B 39 7.33 -3.12 -5.94
N ALA B 40 8.35 -3.96 -5.80
CA ALA B 40 9.51 -3.84 -6.67
C ALA B 40 9.13 -4.21 -8.10
N PRO B 41 9.81 -3.64 -9.09
CA PRO B 41 9.44 -3.92 -10.50
C PRO B 41 9.48 -5.39 -10.81
N GLY B 42 8.32 -5.95 -11.15
CA GLY B 42 8.19 -7.36 -11.45
C GLY B 42 8.20 -8.27 -10.24
N LYS B 43 8.04 -7.72 -9.04
CA LYS B 43 8.10 -8.49 -7.80
C LYS B 43 6.75 -8.42 -7.09
N GLY B 44 6.72 -8.94 -5.86
CA GLY B 44 5.50 -9.00 -5.09
C GLY B 44 5.20 -7.72 -4.33
N LEU B 45 4.30 -7.83 -3.36
CA LEU B 45 3.83 -6.70 -2.58
C LEU B 45 4.34 -6.80 -1.14
N GLU B 46 4.77 -5.67 -0.60
CA GLU B 46 5.26 -5.61 0.78
C GLU B 46 4.68 -4.39 1.47
N TRP B 47 4.05 -4.61 2.62
CA TRP B 47 3.53 -3.50 3.41
C TRP B 47 4.69 -2.72 4.01
N VAL B 48 4.65 -1.39 3.86
CA VAL B 48 5.75 -0.53 4.25
C VAL B 48 5.46 0.17 5.58
N SER B 49 4.29 0.77 5.73
CA SER B 49 4.01 1.53 6.94
C SER B 49 2.51 1.71 7.11
N SER B 50 2.11 2.05 8.33
CA SER B 50 0.71 2.29 8.66
C SER B 50 0.60 3.39 9.69
N ILE B 51 -0.48 4.15 9.62
CA ILE B 51 -0.77 5.22 10.57
C ILE B 51 -2.24 5.18 10.93
N SER B 52 -2.54 5.49 12.19
CA SER B 52 -3.91 5.46 12.68
C SER B 52 -4.69 6.67 12.15
N SER B 53 -6.01 6.64 12.39
CA SER B 53 -6.87 7.71 11.90
C SER B 53 -6.51 9.06 12.51
N ASP B 54 -6.24 9.09 13.82
CA ASP B 54 -5.88 10.35 14.46
C ASP B 54 -4.49 10.80 14.06
N GLY B 55 -3.60 9.86 13.74
CA GLY B 55 -2.26 10.19 13.31
C GLY B 55 -1.19 10.17 14.37
N TYR B 56 -1.52 9.72 15.59
CA TYR B 56 -0.56 9.67 16.68
C TYR B 56 0.05 8.28 16.87
N ASN B 57 -0.39 7.28 16.11
CA ASN B 57 0.16 5.93 16.18
C ASN B 57 0.77 5.57 14.84
N THR B 58 2.01 5.08 14.87
CA THR B 58 2.73 4.67 13.66
C THR B 58 3.16 3.22 13.80
N TYR B 59 3.10 2.48 12.69
CA TYR B 59 3.42 1.07 12.66
C TYR B 59 4.32 0.77 11.47
N TYR B 60 5.44 0.10 11.73
CA TYR B 60 6.40 -0.28 10.70
C TYR B 60 6.85 -1.71 10.94
N PRO B 61 7.28 -2.41 9.89
CA PRO B 61 7.92 -3.71 10.10
C PRO B 61 9.39 -3.53 10.49
N ASP B 62 9.89 -4.50 11.25
CA ASP B 62 11.27 -4.44 11.73
C ASP B 62 12.28 -4.52 10.60
N SER B 63 11.88 -5.00 9.42
CA SER B 63 12.81 -5.14 8.32
C SER B 63 13.33 -3.78 7.86
N LEU B 64 12.51 -2.73 7.94
CA LEU B 64 12.92 -1.41 7.51
C LEU B 64 13.86 -0.73 8.49
N LYS B 65 14.03 -1.28 9.70
CA LYS B 65 14.99 -0.79 10.68
C LYS B 65 14.72 0.66 11.08
N GLY B 66 13.45 1.09 11.01
CA GLY B 66 13.06 2.39 11.51
C GLY B 66 13.58 3.57 10.73
N ARG B 67 13.97 3.39 9.47
CA ARG B 67 14.40 4.50 8.63
C ARG B 67 13.26 5.08 7.79
N PHE B 68 12.04 4.60 7.99
CA PHE B 68 10.85 5.15 7.33
C PHE B 68 9.96 5.78 8.38
N THR B 69 9.32 6.90 8.03
CA THR B 69 8.40 7.57 8.94
C THR B 69 7.15 7.98 8.19
N ILE B 70 5.99 7.70 8.78
CA ILE B 70 4.70 8.02 8.19
C ILE B 70 4.05 9.14 8.99
N SER B 71 3.44 10.10 8.29
CA SER B 71 2.71 11.18 8.93
C SER B 71 1.47 11.50 8.10
N ARG B 72 0.51 12.17 8.73
CA ARG B 72 -0.72 12.55 8.04
C ARG B 72 -1.08 13.99 8.37
N ASP B 73 -1.83 14.61 7.47
CA ASP B 73 -2.18 16.02 7.56
C ASP B 73 -3.65 16.15 7.17
N SER B 74 -4.50 16.44 8.15
CA SER B 74 -5.92 16.64 7.87
C SER B 74 -6.22 18.04 7.38
N ALA B 75 -5.31 19.00 7.56
CA ALA B 75 -5.50 20.33 7.00
C ALA B 75 -5.38 20.33 5.48
N LYS B 76 -4.68 19.36 4.91
CA LYS B 76 -4.59 19.17 3.48
C LYS B 76 -5.12 17.82 3.02
N ASN B 77 -5.58 16.98 3.95
CA ASN B 77 -6.04 15.63 3.63
C ASN B 77 -5.00 14.85 2.84
N SER B 78 -3.76 14.92 3.31
CA SER B 78 -2.63 14.30 2.65
C SER B 78 -1.90 13.37 3.61
N LEU B 79 -1.13 12.45 3.03
CA LEU B 79 -0.35 11.49 3.78
C LEU B 79 1.07 11.48 3.25
N TYR B 80 2.05 11.54 4.15
CA TYR B 80 3.45 11.69 3.79
C TYR B 80 4.26 10.51 4.30
N LEU B 81 5.17 10.02 3.46
CA LEU B 81 6.13 8.99 3.83
C LEU B 81 7.53 9.54 3.60
N GLN B 82 8.32 9.62 4.66
CA GLN B 82 9.69 10.08 4.60
C GLN B 82 10.62 8.87 4.69
N MET B 83 11.56 8.78 3.76
CA MET B 83 12.48 7.65 3.65
C MET B 83 13.90 8.16 3.77
N ASN B 84 14.67 7.55 4.66
CA ASN B 84 16.04 7.95 4.93
C ASN B 84 16.96 6.75 4.81
N SER B 85 18.23 7.04 4.53
CA SER B 85 19.25 6.00 4.31
C SER B 85 18.80 5.03 3.22
N LEU B 86 18.28 5.60 2.13
CA LEU B 86 17.74 4.79 1.05
C LEU B 86 18.83 4.01 0.34
N ARG B 87 18.44 2.89 -0.26
CA ARG B 87 19.36 2.02 -0.98
C ARG B 87 18.66 1.46 -2.20
N ALA B 88 19.43 0.77 -3.04
CA ALA B 88 18.91 0.28 -4.31
C ALA B 88 17.77 -0.71 -4.12
N ASP B 89 17.79 -1.47 -3.02
CA ASP B 89 16.73 -2.43 -2.75
C ASP B 89 15.39 -1.78 -2.45
N ASP B 90 15.37 -0.47 -2.18
CA ASP B 90 14.13 0.25 -1.93
C ASP B 90 13.50 0.79 -3.22
N THR B 91 14.14 0.59 -4.36
CA THR B 91 13.56 1.01 -5.64
C THR B 91 12.30 0.20 -5.92
N ALA B 92 11.16 0.88 -5.98
CA ALA B 92 9.89 0.19 -6.15
C ALA B 92 8.81 1.21 -6.47
N VAL B 93 7.65 0.71 -6.89
CA VAL B 93 6.46 1.53 -7.03
C VAL B 93 5.73 1.50 -5.70
N TYR B 94 5.47 2.68 -5.15
CA TYR B 94 4.87 2.83 -3.83
C TYR B 94 3.43 3.29 -3.98
N TYR B 95 2.52 2.59 -3.30
CA TYR B 95 1.10 2.92 -3.29
C TYR B 95 0.69 3.37 -1.90
N CYS B 96 -0.10 4.43 -1.85
CA CYS B 96 -0.81 4.81 -0.63
C CYS B 96 -2.20 4.19 -0.65
N ALA B 97 -2.60 3.62 0.47
CA ALA B 97 -3.84 2.85 0.55
C ALA B 97 -4.65 3.29 1.76
N ARG B 98 -5.97 3.19 1.61
CA ARG B 98 -6.91 3.48 2.69
C ARG B 98 -7.39 2.16 3.29
N ASP B 99 -7.40 2.09 4.61
CA ASP B 99 -7.83 0.88 5.29
C ASP B 99 -9.35 0.77 5.26
N PHE B 100 -9.88 -0.29 5.86
CA PHE B 100 -11.31 -0.50 5.91
C PHE B 100 -11.95 0.42 6.95
N SER B 101 -13.27 0.55 6.86
CA SER B 101 -14.01 1.39 7.80
C SER B 101 -13.88 0.85 9.21
N GLY B 102 -13.84 1.78 10.17
CA GLY B 102 -13.78 1.38 11.57
C GLY B 102 -15.02 0.65 12.05
N HIS B 103 -16.15 0.83 11.36
CA HIS B 103 -17.40 0.15 11.70
C HIS B 103 -17.60 -1.13 10.92
N THR B 104 -16.52 -1.81 10.55
CA THR B 104 -16.56 -3.10 9.89
C THR B 104 -15.82 -4.12 10.74
N ALA B 105 -15.80 -5.37 10.26
CA ALA B 105 -15.11 -6.44 10.98
C ALA B 105 -13.64 -6.59 10.59
N VAL B 106 -13.22 -5.96 9.49
CA VAL B 106 -11.85 -6.12 9.00
C VAL B 106 -11.11 -4.80 9.13
N ALA B 107 -11.52 -3.98 10.10
CA ALA B 107 -10.91 -2.67 10.28
C ALA B 107 -9.43 -2.80 10.65
N GLY B 108 -8.60 -2.02 9.96
CA GLY B 108 -7.17 -2.03 10.22
C GLY B 108 -6.48 -3.34 9.91
N THR B 109 -6.90 -4.03 8.85
CA THR B 109 -6.31 -5.32 8.50
C THR B 109 -5.95 -5.38 7.02
N GLY B 110 -6.67 -4.63 6.19
CA GLY B 110 -6.45 -4.66 4.76
C GLY B 110 -6.27 -3.31 4.11
N PHE B 111 -6.40 -3.27 2.77
CA PHE B 111 -6.25 -2.06 1.98
C PHE B 111 -7.42 -1.99 1.01
N GLU B 112 -8.49 -1.28 1.43
CA GLU B 112 -9.71 -1.24 0.62
C GLU B 112 -9.48 -0.49 -0.68
N TYR B 113 -8.85 0.68 -0.62
CA TYR B 113 -8.62 1.52 -1.79
C TYR B 113 -7.13 1.74 -1.99
N TRP B 114 -6.73 1.86 -3.25
CA TRP B 114 -5.33 2.00 -3.62
C TRP B 114 -5.16 3.22 -4.52
N GLY B 115 -3.95 3.79 -4.49
CA GLY B 115 -3.61 4.89 -5.37
C GLY B 115 -2.97 4.41 -6.66
N GLN B 116 -2.65 5.38 -7.52
CA GLN B 116 -2.01 5.05 -8.79
C GLN B 116 -0.59 4.55 -8.62
N GLY B 117 0.07 4.91 -7.53
CA GLY B 117 1.43 4.47 -7.28
C GLY B 117 2.47 5.35 -7.95
N THR B 118 3.62 5.54 -7.29
CA THR B 118 4.69 6.35 -7.85
C THR B 118 6.00 5.58 -7.76
N LEU B 119 6.81 5.68 -8.81
CA LEU B 119 8.05 4.91 -8.89
C LEU B 119 9.18 5.67 -8.22
N VAL B 120 9.83 5.03 -7.25
CA VAL B 120 11.00 5.58 -6.58
C VAL B 120 12.20 4.73 -6.99
N THR B 121 13.18 5.37 -7.62
CA THR B 121 14.38 4.71 -8.09
C THR B 121 15.58 5.24 -7.31
N VAL B 122 16.31 4.35 -6.67
CA VAL B 122 17.47 4.78 -5.93
C VAL B 122 18.65 4.39 -6.75
N SER B 123 19.39 5.38 -7.23
CA SER B 123 20.52 5.10 -8.06
C SER B 123 21.59 6.10 -7.90
N SER B 124 22.80 5.68 -8.22
CA SER B 124 23.96 6.56 -8.18
C SER B 124 24.14 7.36 -9.46
N ALA B 125 23.30 7.10 -10.45
CA ALA B 125 23.27 7.72 -11.74
C ALA B 125 22.56 9.04 -11.73
N SER B 126 22.48 9.66 -12.88
CA SER B 126 21.90 10.96 -12.96
C SER B 126 20.65 11.01 -13.79
N THR B 127 19.69 11.76 -13.31
CA THR B 127 18.44 11.94 -13.98
C THR B 127 18.69 12.63 -15.25
N LYS B 128 18.11 12.16 -16.34
CA LYS B 128 18.31 12.79 -17.61
C LYS B 128 17.05 12.90 -18.40
N GLY B 129 16.85 14.02 -19.06
CA GLY B 129 15.69 14.22 -19.87
C GLY B 129 15.77 13.42 -21.13
N PRO B 130 14.64 13.15 -21.72
CA PRO B 130 14.62 12.30 -22.92
C PRO B 130 14.68 13.10 -24.21
N SER B 131 15.01 12.40 -25.29
CA SER B 131 14.96 12.94 -26.64
C SER B 131 13.85 12.21 -27.40
N VAL B 132 12.96 12.98 -28.03
CA VAL B 132 11.81 12.44 -28.73
C VAL B 132 12.02 12.64 -30.22
N PHE B 133 11.87 11.56 -31.00
CA PHE B 133 12.09 11.60 -32.43
C PHE B 133 10.89 11.04 -33.17
N PRO B 134 10.60 11.55 -34.37
CA PRO B 134 9.42 11.10 -35.10
C PRO B 134 9.68 9.86 -35.95
N LEU B 135 8.78 8.88 -35.90
CA LEU B 135 8.83 7.68 -36.73
C LEU B 135 7.71 7.82 -37.75
N ALA B 136 8.05 8.38 -38.91
CA ALA B 136 7.12 8.72 -39.95
C ALA B 136 6.72 7.49 -40.76
N PRO B 137 5.53 7.52 -41.39
CA PRO B 137 5.10 6.42 -42.25
C PRO B 137 5.67 6.51 -43.67
N GLY B 145 -6.23 0.64 -46.85
CA GLY B 145 -4.84 0.76 -46.47
C GLY B 145 -4.64 1.55 -45.18
N THR B 146 -3.67 1.12 -44.38
CA THR B 146 -3.35 1.77 -43.11
C THR B 146 -1.84 1.93 -43.00
N ALA B 147 -1.42 2.85 -42.15
CA ALA B 147 -0.01 3.19 -41.99
C ALA B 147 0.32 3.31 -40.51
N ALA B 148 1.60 3.09 -40.20
CA ALA B 148 2.09 3.19 -38.83
C ALA B 148 2.68 4.56 -38.59
N LEU B 149 2.37 5.13 -37.43
CA LEU B 149 2.74 6.50 -37.09
C LEU B 149 3.25 6.46 -35.65
N GLY B 150 4.53 6.75 -35.43
CA GLY B 150 5.11 6.58 -34.11
C GLY B 150 6.01 7.72 -33.70
N CYS B 151 6.44 7.65 -32.44
CA CYS B 151 7.52 8.49 -31.96
C CYS B 151 8.28 7.75 -30.88
N LEU B 152 9.59 7.98 -30.85
CA LEU B 152 10.53 7.23 -30.03
C LEU B 152 11.11 8.13 -28.95
N VAL B 153 11.02 7.69 -27.70
CA VAL B 153 11.61 8.36 -26.55
C VAL B 153 12.91 7.63 -26.23
N LYS B 154 14.02 8.36 -26.22
CA LYS B 154 15.33 7.74 -26.14
C LYS B 154 16.20 8.49 -25.14
N ASP B 155 17.08 7.75 -24.45
CA ASP B 155 18.11 8.32 -23.60
C ASP B 155 17.50 9.13 -22.46
N TYR B 156 16.76 8.44 -21.60
CA TYR B 156 16.19 9.04 -20.41
C TYR B 156 16.44 8.14 -19.19
N PHE B 157 16.44 8.77 -18.02
CA PHE B 157 16.66 8.06 -16.77
C PHE B 157 16.17 8.95 -15.63
N PRO B 158 15.45 8.40 -14.64
CA PRO B 158 15.03 6.99 -14.61
C PRO B 158 13.62 6.79 -15.16
N GLU B 159 13.06 5.60 -14.92
CA GLU B 159 11.70 5.33 -15.31
C GLU B 159 10.74 6.07 -14.37
N PRO B 160 9.48 6.30 -14.81
CA PRO B 160 8.90 6.00 -16.12
C PRO B 160 8.61 7.23 -16.96
N VAL B 161 8.13 7.01 -18.19
CA VAL B 161 7.58 8.05 -19.04
C VAL B 161 6.21 7.58 -19.52
N THR B 162 5.36 8.54 -19.85
CA THR B 162 4.03 8.27 -20.38
C THR B 162 3.86 8.97 -21.72
N VAL B 163 3.27 8.27 -22.68
CA VAL B 163 3.07 8.80 -24.02
C VAL B 163 1.58 8.84 -24.32
N SER B 164 1.09 10.01 -24.69
CA SER B 164 -0.27 10.20 -25.18
C SER B 164 -0.21 10.69 -26.63
N TRP B 165 -1.35 10.69 -27.29
CA TRP B 165 -1.43 11.11 -28.68
C TRP B 165 -2.51 12.17 -28.84
N ASN B 166 -2.12 13.30 -29.43
CA ASN B 166 -3.04 14.42 -29.66
C ASN B 166 -3.71 14.86 -28.37
N SER B 167 -2.90 15.03 -27.33
CA SER B 167 -3.36 15.45 -26.00
C SER B 167 -4.39 14.49 -25.42
N GLY B 168 -4.27 13.20 -25.76
CA GLY B 168 -5.16 12.19 -25.25
C GLY B 168 -6.42 11.94 -26.06
N ALA B 169 -6.65 12.73 -27.11
CA ALA B 169 -7.85 12.52 -27.93
C ALA B 169 -7.81 11.18 -28.65
N LEU B 170 -6.63 10.79 -29.14
CA LEU B 170 -6.47 9.54 -29.88
C LEU B 170 -6.21 8.41 -28.90
N THR B 171 -7.05 7.38 -28.95
CA THR B 171 -6.88 6.21 -28.09
C THR B 171 -6.90 4.92 -28.90
N SER B 172 -7.61 4.93 -30.02
CA SER B 172 -7.78 3.72 -30.82
C SER B 172 -6.51 3.39 -31.58
N GLY B 173 -6.06 2.14 -31.47
CA GLY B 173 -4.90 1.68 -32.20
C GLY B 173 -3.57 2.17 -31.66
N VAL B 174 -3.54 2.77 -30.48
CA VAL B 174 -2.30 3.29 -29.90
C VAL B 174 -1.65 2.19 -29.07
N HIS B 175 -0.44 1.80 -29.45
CA HIS B 175 0.34 0.79 -28.75
C HIS B 175 1.60 1.44 -28.21
N THR B 176 1.78 1.40 -26.90
CA THR B 176 2.98 1.89 -26.23
C THR B 176 3.81 0.71 -25.78
N PHE B 177 5.09 0.71 -26.11
CA PHE B 177 5.90 -0.47 -25.85
C PHE B 177 6.75 -0.27 -24.61
N PRO B 178 7.05 -1.35 -23.88
CA PRO B 178 7.90 -1.23 -22.70
C PRO B 178 9.31 -0.80 -23.08
N ALA B 179 9.96 -0.10 -22.15
CA ALA B 179 11.29 0.45 -22.42
C ALA B 179 12.35 -0.65 -22.42
N VAL B 180 13.49 -0.34 -23.03
CA VAL B 180 14.65 -1.21 -23.02
C VAL B 180 15.78 -0.45 -22.32
N LEU B 181 16.71 -1.21 -21.74
CA LEU B 181 17.84 -0.64 -21.02
C LEU B 181 19.07 -0.77 -21.90
N GLN B 182 19.59 0.37 -22.34
CA GLN B 182 20.77 0.38 -23.21
C GLN B 182 22.04 0.23 -22.38
N SER B 183 23.13 -0.09 -23.08
CA SER B 183 24.42 -0.28 -22.41
C SER B 183 24.90 0.99 -21.74
N SER B 184 24.48 2.16 -22.25
CA SER B 184 24.85 3.42 -21.63
C SER B 184 24.14 3.68 -20.31
N GLY B 185 23.14 2.87 -19.96
CA GLY B 185 22.38 3.08 -18.76
C GLY B 185 21.20 4.01 -18.91
N LEU B 186 20.74 4.25 -20.12
CA LEU B 186 19.60 5.12 -20.39
C LEU B 186 18.48 4.31 -21.03
N TYR B 187 17.25 4.67 -20.70
CA TYR B 187 16.09 3.92 -21.16
C TYR B 187 15.57 4.48 -22.49
N SER B 188 14.81 3.64 -23.18
CA SER B 188 14.23 4.03 -24.48
C SER B 188 13.01 3.18 -24.76
N LEU B 189 11.92 3.84 -25.16
CA LEU B 189 10.71 3.15 -25.59
C LEU B 189 10.18 3.86 -26.83
N SER B 190 9.10 3.32 -27.40
CA SER B 190 8.44 3.91 -28.55
C SER B 190 6.94 3.77 -28.42
N SER B 191 6.21 4.67 -29.06
CA SER B 191 4.76 4.60 -29.09
C SER B 191 4.28 4.75 -30.53
N VAL B 192 3.47 3.80 -30.99
CA VAL B 192 3.00 3.77 -32.38
C VAL B 192 1.48 3.77 -32.39
N VAL B 193 0.92 4.03 -33.57
CA VAL B 193 -0.53 3.98 -33.78
C VAL B 193 -0.77 3.73 -35.26
N THR B 194 -1.74 2.88 -35.55
CA THR B 194 -2.12 2.57 -36.92
C THR B 194 -3.28 3.45 -37.33
N VAL B 195 -3.09 4.23 -38.38
CA VAL B 195 -4.07 5.23 -38.80
C VAL B 195 -4.34 5.04 -40.30
N PRO B 196 -5.51 5.43 -40.82
CA PRO B 196 -5.74 5.29 -42.25
C PRO B 196 -4.91 6.24 -43.07
N SER B 197 -4.52 5.77 -44.27
CA SER B 197 -3.56 6.50 -45.09
C SER B 197 -4.10 7.85 -45.53
N SER B 198 -5.39 7.91 -45.85
CA SER B 198 -5.97 9.14 -46.39
C SER B 198 -5.89 10.29 -45.40
N SER B 199 -6.25 10.05 -44.14
CA SER B 199 -6.31 11.13 -43.15
C SER B 199 -4.93 11.69 -42.83
N LEU B 200 -3.86 10.99 -43.22
CA LEU B 200 -2.52 11.56 -43.08
C LEU B 200 -2.38 12.84 -43.87
N GLY B 201 -3.14 12.97 -44.96
CA GLY B 201 -3.15 14.19 -45.74
C GLY B 201 -4.05 15.28 -45.25
N THR B 202 -4.78 15.06 -44.16
CA THR B 202 -5.71 16.05 -43.62
C THR B 202 -5.61 16.27 -42.12
N GLN B 203 -5.05 15.32 -41.36
CA GLN B 203 -5.02 15.41 -39.89
C GLN B 203 -3.58 15.39 -39.41
N THR B 204 -3.24 16.34 -38.55
CA THR B 204 -1.93 16.37 -37.91
C THR B 204 -1.92 15.41 -36.72
N TYR B 205 -0.73 14.86 -36.44
CA TYR B 205 -0.55 13.88 -35.37
C TYR B 205 0.56 14.35 -34.44
N ILE B 206 0.20 14.64 -33.20
CA ILE B 206 1.14 15.11 -32.18
C ILE B 206 1.23 14.03 -31.11
N CYS B 207 2.45 13.71 -30.69
CA CYS B 207 2.65 12.78 -29.58
C CYS B 207 3.25 13.53 -28.40
N ASN B 208 2.71 13.27 -27.21
CA ASN B 208 3.08 13.96 -25.99
C ASN B 208 3.81 12.99 -25.07
N VAL B 209 5.01 13.37 -24.63
CA VAL B 209 5.86 12.56 -23.79
C VAL B 209 6.02 13.27 -22.45
N ASN B 210 5.76 12.54 -21.37
CA ASN B 210 5.86 13.08 -20.02
C ASN B 210 6.87 12.25 -19.23
N HIS B 211 7.85 12.92 -18.65
CA HIS B 211 8.89 12.31 -17.82
C HIS B 211 8.91 13.08 -16.50
N LYS B 212 8.09 12.66 -15.56
CA LYS B 212 7.99 13.34 -14.27
C LYS B 212 9.31 13.37 -13.50
N PRO B 213 10.11 12.30 -13.42
CA PRO B 213 11.37 12.41 -12.64
C PRO B 213 12.27 13.54 -13.06
N SER B 214 12.35 13.83 -14.36
CA SER B 214 13.11 14.97 -14.86
C SER B 214 12.22 16.19 -15.11
N ASN B 215 10.94 16.12 -14.76
CA ASN B 215 10.00 17.23 -14.90
C ASN B 215 9.96 17.75 -16.35
N THR B 216 9.89 16.81 -17.28
CA THR B 216 9.96 17.13 -18.71
C THR B 216 8.63 16.79 -19.39
N LYS B 217 8.21 17.68 -20.28
CA LYS B 217 7.06 17.43 -21.16
C LYS B 217 7.45 17.87 -22.57
N VAL B 218 7.14 17.03 -23.57
CA VAL B 218 7.53 17.30 -24.94
C VAL B 218 6.36 16.98 -25.85
N ASP B 219 6.06 17.88 -26.78
CA ASP B 219 5.10 17.63 -27.85
C ASP B 219 5.87 17.55 -29.16
N LYS B 220 5.76 16.41 -29.84
CA LYS B 220 6.49 16.18 -31.09
C LYS B 220 5.49 15.98 -32.22
N LYS B 221 5.72 16.69 -33.32
CA LYS B 221 4.92 16.55 -34.53
C LYS B 221 5.54 15.50 -35.43
N VAL B 222 4.78 14.46 -35.75
CA VAL B 222 5.24 13.40 -36.64
C VAL B 222 4.50 13.55 -37.96
N GLU B 223 5.25 13.81 -39.03
CA GLU B 223 4.67 14.07 -40.33
C GLU B 223 5.25 13.10 -41.36
N PRO B 224 4.48 12.73 -42.39
CA PRO B 224 4.99 11.78 -43.38
C PRO B 224 5.98 12.45 -44.33
N LYS B 225 7.19 11.89 -44.41
CA LYS B 225 8.24 12.43 -45.24
C LYS B 225 8.22 11.78 -46.62
N SER B 226 8.67 12.54 -47.61
CA SER B 226 8.71 12.09 -49.00
C SER B 226 7.35 11.62 -49.49
N GLN C 1 5.11 -14.20 9.54
CA GLN C 1 6.50 -14.64 9.47
C GLN C 1 6.75 -15.59 8.30
N PRO C 2 7.29 -15.06 7.20
CA PRO C 2 7.32 -13.62 6.91
C PRO C 2 6.30 -13.24 5.85
N VAL C 3 5.87 -14.21 5.04
CA VAL C 3 4.90 -13.99 3.97
C VAL C 3 4.03 -15.24 3.82
N LEU C 4 2.91 -15.07 3.12
CA LEU C 4 2.05 -16.19 2.75
C LEU C 4 2.45 -16.73 1.39
N THR C 5 2.37 -18.05 1.24
CA THR C 5 2.83 -18.73 0.04
C THR C 5 1.66 -19.08 -0.85
N GLN C 6 1.79 -18.77 -2.14
CA GLN C 6 0.82 -19.09 -3.17
C GLN C 6 1.53 -19.78 -4.32
N PRO C 7 0.81 -20.56 -5.12
CA PRO C 7 1.40 -21.11 -6.34
C PRO C 7 1.85 -20.00 -7.26
N PRO C 8 3.00 -20.13 -7.90
CA PRO C 8 3.50 -19.05 -8.78
C PRO C 8 2.55 -18.74 -9.93
N SER C 9 1.88 -19.73 -10.49
CA SER C 9 0.97 -19.49 -11.60
C SER C 9 -0.05 -20.62 -11.67
N VAL C 10 -1.29 -20.25 -11.98
CA VAL C 10 -2.39 -21.20 -12.20
C VAL C 10 -3.01 -20.88 -13.55
N SER C 11 -3.22 -21.92 -14.37
CA SER C 11 -3.74 -21.77 -15.71
C SER C 11 -5.01 -22.59 -15.90
N GLY C 12 -5.87 -22.14 -16.81
CA GLY C 12 -7.08 -22.85 -17.14
C GLY C 12 -7.77 -22.32 -18.37
N ALA C 13 -8.51 -23.18 -19.07
CA ALA C 13 -9.23 -22.78 -20.26
C ALA C 13 -10.51 -22.04 -19.88
N PRO C 14 -11.03 -21.20 -20.77
CA PRO C 14 -12.26 -20.45 -20.45
C PRO C 14 -13.44 -21.39 -20.25
N GLY C 15 -14.07 -21.28 -19.08
CA GLY C 15 -15.24 -22.07 -18.77
C GLY C 15 -15.17 -22.86 -17.47
N GLN C 16 -13.99 -23.38 -17.15
CA GLN C 16 -13.83 -24.22 -15.98
C GLN C 16 -13.53 -23.39 -14.74
N ARG C 17 -13.37 -24.07 -13.61
CA ARG C 17 -13.10 -23.44 -12.32
C ARG C 17 -11.65 -23.69 -11.92
N ILE C 18 -10.99 -22.63 -11.44
CA ILE C 18 -9.62 -22.73 -10.96
C ILE C 18 -9.55 -22.20 -9.53
N THR C 19 -8.52 -22.64 -8.81
CA THR C 19 -8.34 -22.28 -7.42
C THR C 19 -6.90 -21.84 -7.17
N ILE C 20 -6.75 -20.85 -6.31
CA ILE C 20 -5.46 -20.35 -5.88
C ILE C 20 -5.39 -20.49 -4.37
N SER C 21 -4.38 -21.23 -3.90
CA SER C 21 -4.22 -21.48 -2.47
C SER C 21 -3.36 -20.38 -1.83
N CYS C 22 -3.52 -20.23 -0.53
CA CYS C 22 -2.80 -19.23 0.25
C CYS C 22 -2.47 -19.88 1.59
N THR C 23 -1.23 -20.33 1.74
CA THR C 23 -0.80 -21.09 2.92
C THR C 23 -0.21 -20.13 3.95
N GLY C 24 -0.92 -19.95 5.06
CA GLY C 24 -0.43 -19.17 6.17
C GLY C 24 0.03 -20.03 7.32
N SER C 25 0.30 -19.39 8.45
CA SER C 25 0.74 -20.05 9.66
C SER C 25 -0.25 -19.75 10.79
N SER C 26 0.05 -20.30 11.97
CA SER C 26 -0.76 -20.03 13.14
C SER C 26 -0.65 -18.59 13.63
N SER C 27 0.32 -17.83 13.11
CA SER C 27 0.52 -16.47 13.56
C SER C 27 -0.40 -15.47 12.84
N ASN C 28 -0.78 -15.75 11.61
CA ASN C 28 -1.58 -14.81 10.81
C ASN C 28 -2.97 -15.35 10.51
N ILE C 29 -3.07 -16.50 9.86
CA ILE C 29 -4.38 -17.04 9.50
C ILE C 29 -4.96 -17.87 10.63
N GLY C 30 -4.14 -18.72 11.25
CA GLY C 30 -4.60 -19.49 12.40
C GLY C 30 -4.83 -18.67 13.65
N ALA C 31 -4.46 -17.40 13.64
CA ALA C 31 -4.67 -16.51 14.77
C ALA C 31 -6.06 -15.88 14.77
N GLY C 32 -6.90 -16.20 13.79
CA GLY C 32 -8.24 -15.67 13.72
C GLY C 32 -8.43 -14.45 12.86
N TYR C 33 -7.44 -14.10 12.02
CA TYR C 33 -7.53 -12.93 11.16
C TYR C 33 -7.98 -13.34 9.77
N ASP C 34 -8.78 -12.49 9.14
CA ASP C 34 -9.34 -12.77 7.84
C ASP C 34 -8.29 -12.63 6.74
N VAL C 35 -8.64 -13.10 5.55
CA VAL C 35 -7.76 -13.06 4.39
C VAL C 35 -8.42 -12.19 3.32
N HIS C 36 -7.60 -11.41 2.62
CA HIS C 36 -8.07 -10.57 1.52
C HIS C 36 -7.36 -10.96 0.24
N TRP C 37 -8.03 -10.73 -0.88
CA TRP C 37 -7.48 -11.03 -2.20
C TRP C 37 -7.55 -9.78 -3.06
N TYR C 38 -6.43 -9.42 -3.67
CA TYR C 38 -6.31 -8.28 -4.56
C TYR C 38 -5.92 -8.76 -5.95
N GLN C 39 -6.56 -8.18 -6.97
CA GLN C 39 -6.28 -8.48 -8.36
C GLN C 39 -5.58 -7.30 -9.01
N GLN C 40 -4.46 -7.59 -9.68
CA GLN C 40 -3.64 -6.59 -10.35
C GLN C 40 -3.59 -6.92 -11.84
N LEU C 41 -4.14 -6.04 -12.66
CA LEU C 41 -4.02 -6.12 -14.10
C LEU C 41 -2.64 -5.61 -14.53
N PRO C 42 -2.14 -6.06 -15.68
CA PRO C 42 -0.81 -5.61 -16.12
C PRO C 42 -0.77 -4.10 -16.29
N GLY C 43 0.20 -3.46 -15.64
CA GLY C 43 0.41 -2.04 -15.75
C GLY C 43 -0.48 -1.19 -14.85
N THR C 44 -1.30 -1.79 -14.00
CA THR C 44 -2.21 -1.06 -13.14
C THR C 44 -1.92 -1.39 -11.67
N ALA C 45 -2.49 -0.59 -10.78
CA ALA C 45 -2.37 -0.79 -9.35
C ALA C 45 -3.27 -1.94 -8.90
N PRO C 46 -2.93 -2.59 -7.78
CA PRO C 46 -3.80 -3.64 -7.26
C PRO C 46 -5.17 -3.08 -6.86
N LYS C 47 -6.19 -3.92 -7.03
CA LYS C 47 -7.56 -3.57 -6.69
C LYS C 47 -8.14 -4.63 -5.76
N LEU C 48 -8.90 -4.19 -4.77
CA LEU C 48 -9.48 -5.11 -3.81
C LEU C 48 -10.52 -5.99 -4.50
N LEU C 49 -10.42 -7.30 -4.30
CA LEU C 49 -11.31 -8.28 -4.91
C LEU C 49 -12.11 -9.06 -3.89
N ILE C 50 -11.50 -9.47 -2.78
CA ILE C 50 -12.18 -10.21 -1.72
C ILE C 50 -11.71 -9.68 -0.38
N TYR C 51 -12.65 -9.45 0.54
CA TYR C 51 -12.33 -9.05 1.90
C TYR C 51 -13.13 -9.91 2.86
N GLY C 52 -12.61 -10.06 4.08
CA GLY C 52 -13.25 -10.92 5.05
C GLY C 52 -13.16 -12.40 4.75
N SER C 53 -12.33 -12.78 3.77
CA SER C 53 -12.06 -14.15 3.38
C SER C 53 -13.23 -14.80 2.64
N SER C 54 -14.40 -14.15 2.63
CA SER C 54 -15.52 -14.66 1.86
C SER C 54 -16.41 -13.59 1.23
N SER C 55 -16.09 -12.31 1.37
CA SER C 55 -17.00 -11.25 0.96
C SER C 55 -16.38 -10.43 -0.17
N ARG C 56 -17.20 -10.11 -1.17
CA ARG C 56 -16.76 -9.34 -2.32
C ARG C 56 -17.37 -7.94 -2.29
N PRO C 57 -16.60 -6.91 -2.64
CA PRO C 57 -17.15 -5.55 -2.74
C PRO C 57 -17.97 -5.41 -4.01
N SER C 58 -18.47 -4.19 -4.23
CA SER C 58 -19.29 -3.91 -5.41
C SER C 58 -18.45 -4.02 -6.67
N GLY C 59 -19.07 -4.56 -7.73
CA GLY C 59 -18.40 -4.72 -9.01
C GLY C 59 -17.69 -6.04 -9.20
N VAL C 60 -17.64 -6.90 -8.19
CA VAL C 60 -17.01 -8.21 -8.27
C VAL C 60 -18.09 -9.24 -8.54
N PRO C 61 -18.06 -9.93 -9.67
CA PRO C 61 -19.09 -10.93 -9.97
C PRO C 61 -19.02 -12.12 -9.02
N ASP C 62 -20.12 -12.88 -8.98
CA ASP C 62 -20.21 -14.05 -8.12
C ASP C 62 -19.24 -15.15 -8.50
N ARG C 63 -18.62 -15.08 -9.69
CA ARG C 63 -17.66 -16.09 -10.10
C ARG C 63 -16.46 -16.13 -9.16
N PHE C 64 -16.14 -15.01 -8.51
CA PHE C 64 -15.07 -14.97 -7.52
C PHE C 64 -15.62 -15.34 -6.15
N SER C 65 -14.98 -16.29 -5.49
CA SER C 65 -15.36 -16.68 -4.14
C SER C 65 -14.11 -16.92 -3.32
N GLY C 66 -14.26 -16.79 -2.01
CA GLY C 66 -13.15 -17.00 -1.09
C GLY C 66 -13.55 -17.91 0.05
N SER C 67 -12.54 -18.56 0.62
CA SER C 67 -12.76 -19.42 1.78
C SER C 67 -11.48 -19.45 2.61
N LYS C 68 -11.64 -19.80 3.88
CA LYS C 68 -10.50 -19.96 4.77
C LYS C 68 -10.81 -21.05 5.78
N SER C 69 -9.78 -21.79 6.18
CA SER C 69 -9.91 -22.85 7.17
C SER C 69 -8.54 -23.18 7.73
N GLY C 70 -8.48 -23.41 9.03
CA GLY C 70 -7.21 -23.72 9.67
C GLY C 70 -6.22 -22.60 9.47
N THR C 71 -5.06 -22.94 8.93
CA THR C 71 -4.02 -21.96 8.61
C THR C 71 -3.91 -21.71 7.11
N SER C 72 -4.97 -21.98 6.35
CA SER C 72 -4.92 -21.85 4.90
C SER C 72 -6.18 -21.13 4.40
N ALA C 73 -6.07 -20.60 3.19
CA ALA C 73 -7.19 -19.93 2.52
C ALA C 73 -7.15 -20.28 1.04
N SER C 74 -8.27 -20.01 0.36
CA SER C 74 -8.37 -20.35 -1.06
C SER C 74 -9.28 -19.36 -1.75
N LEU C 75 -8.93 -19.05 -3.00
CA LEU C 75 -9.75 -18.22 -3.87
C LEU C 75 -10.16 -19.06 -5.08
N ALA C 76 -11.46 -19.08 -5.36
CA ALA C 76 -12.01 -19.89 -6.44
C ALA C 76 -12.64 -18.99 -7.49
N ILE C 77 -12.27 -19.21 -8.75
CA ILE C 77 -12.85 -18.50 -9.89
C ILE C 77 -13.55 -19.53 -10.77
N THR C 78 -14.85 -19.34 -10.97
CA THR C 78 -15.68 -20.27 -11.74
C THR C 78 -16.06 -19.61 -13.06
N GLY C 79 -15.90 -20.35 -14.15
CA GLY C 79 -16.18 -19.80 -15.46
C GLY C 79 -15.12 -18.80 -15.89
N LEU C 80 -13.90 -19.29 -16.11
CA LEU C 80 -12.77 -18.42 -16.41
C LEU C 80 -13.03 -17.60 -17.67
N GLN C 81 -12.57 -16.35 -17.64
CA GLN C 81 -12.72 -15.43 -18.76
C GLN C 81 -11.36 -14.87 -19.14
N ALA C 82 -11.24 -14.43 -20.40
CA ALA C 82 -9.99 -13.90 -20.90
C ALA C 82 -9.56 -12.63 -20.15
N GLU C 83 -10.50 -11.94 -19.51
CA GLU C 83 -10.18 -10.72 -18.77
C GLU C 83 -9.66 -11.00 -17.38
N ASP C 84 -9.58 -12.27 -16.96
CA ASP C 84 -9.12 -12.63 -15.63
C ASP C 84 -7.61 -12.87 -15.56
N GLU C 85 -6.91 -12.81 -16.70
CA GLU C 85 -5.46 -12.96 -16.70
C GLU C 85 -4.83 -11.83 -15.90
N ALA C 86 -4.29 -12.13 -14.73
CA ALA C 86 -3.83 -11.07 -13.82
C ALA C 86 -3.06 -11.70 -12.68
N ASP C 87 -2.54 -10.85 -11.79
CA ASP C 87 -1.83 -11.30 -10.59
C ASP C 87 -2.78 -11.22 -9.40
N TYR C 88 -2.84 -12.29 -8.62
CA TYR C 88 -3.73 -12.37 -7.47
C TYR C 88 -2.89 -12.54 -6.20
N TYR C 89 -3.13 -11.66 -5.23
CA TYR C 89 -2.37 -11.64 -3.98
C TYR C 89 -3.31 -11.82 -2.81
N CYS C 90 -2.95 -12.74 -1.90
CA CYS C 90 -3.67 -12.89 -0.64
C CYS C 90 -2.94 -12.14 0.46
N GLN C 91 -3.67 -11.82 1.53
CA GLN C 91 -3.14 -10.98 2.59
C GLN C 91 -3.85 -11.31 3.89
N SER C 92 -3.10 -11.23 4.98
CA SER C 92 -3.63 -11.50 6.32
C SER C 92 -2.95 -10.54 7.31
N TYR C 93 -3.23 -10.76 8.60
CA TYR C 93 -2.80 -9.87 9.66
C TYR C 93 -2.09 -10.67 10.75
N ASP C 94 -1.07 -10.07 11.35
CA ASP C 94 -0.34 -10.66 12.46
C ASP C 94 -0.43 -9.74 13.67
N SER C 95 -0.74 -10.31 14.84
CA SER C 95 -0.86 -9.52 16.05
C SER C 95 0.46 -8.89 16.46
N SER C 96 1.59 -9.51 16.11
CA SER C 96 2.89 -8.97 16.47
C SER C 96 3.11 -7.61 15.82
N LEU C 97 3.57 -6.65 16.61
CA LEU C 97 3.77 -5.29 16.11
C LEU C 97 4.88 -5.19 15.08
N SER C 98 5.73 -6.21 14.97
CA SER C 98 6.82 -6.21 14.02
C SER C 98 6.44 -6.76 12.66
N VAL C 99 5.25 -7.34 12.51
CA VAL C 99 4.86 -7.98 11.26
C VAL C 99 3.59 -7.35 10.72
N LEU C 100 2.49 -7.44 11.48
CA LEU C 100 1.19 -6.90 11.11
C LEU C 100 0.72 -7.42 9.75
N TYR C 101 0.69 -6.55 8.75
CA TYR C 101 0.16 -6.92 7.43
C TYR C 101 1.10 -7.90 6.74
N VAL C 102 0.61 -9.11 6.47
CA VAL C 102 1.39 -10.14 5.79
C VAL C 102 0.81 -10.32 4.39
N PHE C 103 1.65 -10.18 3.38
CA PHE C 103 1.23 -10.28 1.99
C PHE C 103 1.54 -11.67 1.43
N GLY C 104 0.69 -12.11 0.52
CA GLY C 104 0.90 -13.38 -0.15
C GLY C 104 1.97 -13.28 -1.23
N THR C 105 2.42 -14.45 -1.67
CA THR C 105 3.45 -14.51 -2.70
C THR C 105 2.96 -13.91 -4.02
N GLY C 106 1.76 -14.26 -4.43
CA GLY C 106 1.21 -13.78 -5.69
C GLY C 106 1.14 -14.91 -6.71
N THR C 107 0.03 -14.98 -7.42
CA THR C 107 -0.20 -16.03 -8.40
C THR C 107 -0.58 -15.39 -9.73
N LYS C 108 0.09 -15.80 -10.81
CA LYS C 108 -0.21 -15.31 -12.14
C LYS C 108 -1.23 -16.24 -12.79
N VAL C 109 -2.40 -15.73 -13.13
CA VAL C 109 -3.39 -16.57 -13.73
C VAL C 109 -3.45 -16.30 -15.22
N THR C 110 -3.38 -17.36 -16.00
CA THR C 110 -3.43 -17.26 -17.46
C THR C 110 -4.53 -18.15 -18.00
N VAL C 111 -5.21 -17.68 -19.04
CA VAL C 111 -6.28 -18.47 -19.63
C VAL C 111 -5.92 -19.01 -21.01
N LEU C 112 -6.08 -20.31 -21.14
CA LEU C 112 -5.80 -21.09 -22.32
C LEU C 112 -6.90 -21.12 -23.34
N GLY C 113 -6.62 -21.66 -24.52
CA GLY C 113 -7.60 -21.64 -25.58
C GLY C 113 -7.47 -20.54 -26.62
N GLN C 114 -6.37 -19.82 -26.61
CA GLN C 114 -6.17 -18.81 -27.61
C GLN C 114 -5.37 -19.42 -28.72
N PRO C 115 -5.78 -19.13 -29.94
CA PRO C 115 -5.12 -19.64 -31.14
C PRO C 115 -3.80 -18.97 -31.33
N LYS C 116 -2.86 -19.67 -31.96
CA LYS C 116 -1.55 -19.08 -32.20
C LYS C 116 -1.65 -17.99 -33.26
N ALA C 117 -1.06 -16.83 -32.97
CA ALA C 117 -1.16 -15.67 -33.84
C ALA C 117 0.23 -15.29 -34.34
N ALA C 118 0.34 -15.13 -35.66
CA ALA C 118 1.61 -14.69 -36.23
C ALA C 118 1.92 -13.27 -35.80
N PRO C 119 3.18 -12.96 -35.50
CA PRO C 119 3.52 -11.61 -35.05
C PRO C 119 3.34 -10.58 -36.14
N SER C 120 2.96 -9.38 -35.73
CA SER C 120 2.84 -8.23 -36.63
C SER C 120 4.07 -7.35 -36.45
N VAL C 121 4.93 -7.31 -37.47
CA VAL C 121 6.22 -6.65 -37.39
C VAL C 121 6.17 -5.39 -38.24
N THR C 122 6.62 -4.28 -37.66
CA THR C 122 6.74 -3.01 -38.36
C THR C 122 8.12 -2.43 -38.09
N LEU C 123 8.81 -2.02 -39.14
CA LEU C 123 10.17 -1.51 -39.05
C LEU C 123 10.20 -0.03 -39.38
N PHE C 124 11.07 0.71 -38.68
CA PHE C 124 11.22 2.13 -38.89
C PHE C 124 12.69 2.49 -39.11
N PRO C 125 12.98 3.36 -40.07
CA PRO C 125 14.35 3.82 -40.28
C PRO C 125 14.67 5.00 -39.37
N PRO C 126 15.94 5.37 -39.26
CA PRO C 126 16.28 6.53 -38.42
C PRO C 126 15.62 7.81 -38.92
N SER C 127 15.19 8.64 -37.98
CA SER C 127 14.55 9.90 -38.31
C SER C 127 15.60 10.93 -38.72
N SER C 128 15.20 11.81 -39.65
CA SER C 128 16.12 12.84 -40.14
C SER C 128 16.64 13.72 -39.01
N GLU C 129 15.83 13.95 -37.98
CA GLU C 129 16.29 14.70 -36.83
C GLU C 129 17.41 13.97 -36.10
N GLU C 130 17.31 12.64 -36.00
CA GLU C 130 18.35 11.87 -35.32
C GLU C 130 19.67 11.95 -36.06
N LEU C 131 19.64 11.87 -37.39
CA LEU C 131 20.87 12.02 -38.17
C LEU C 131 21.47 13.41 -37.98
N GLN C 132 20.63 14.42 -37.81
CA GLN C 132 21.13 15.77 -37.51
C GLN C 132 21.79 15.84 -36.14
N ALA C 133 21.54 14.87 -35.27
CA ALA C 133 22.15 14.80 -33.95
C ALA C 133 23.29 13.79 -33.89
N ASN C 134 23.79 13.34 -35.05
CA ASN C 134 24.86 12.35 -35.13
C ASN C 134 24.49 11.06 -34.41
N LYS C 135 23.26 10.60 -34.62
CA LYS C 135 22.77 9.37 -34.03
C LYS C 135 21.82 8.70 -35.01
N ALA C 136 21.63 7.39 -34.84
CA ALA C 136 20.73 6.63 -35.70
C ALA C 136 20.33 5.36 -34.97
N THR C 137 19.02 5.13 -34.87
CA THR C 137 18.48 3.95 -34.22
C THR C 137 17.41 3.31 -35.09
N LEU C 138 17.46 1.99 -35.20
CA LEU C 138 16.47 1.21 -35.91
C LEU C 138 15.46 0.66 -34.91
N VAL C 139 14.18 0.85 -35.19
CA VAL C 139 13.10 0.49 -34.26
C VAL C 139 12.25 -0.59 -34.91
N CYS C 140 12.13 -1.73 -34.23
CA CYS C 140 11.36 -2.87 -34.70
C CYS C 140 10.28 -3.18 -33.66
N LEU C 141 9.02 -3.03 -34.05
CA LEU C 141 7.89 -3.27 -33.16
C LEU C 141 7.21 -4.59 -33.51
N ILE C 142 7.01 -5.42 -32.50
CA ILE C 142 6.31 -6.70 -32.64
C ILE C 142 5.09 -6.66 -31.74
N SER C 143 3.93 -7.02 -32.29
CA SER C 143 2.69 -6.97 -31.53
C SER C 143 1.74 -8.05 -32.03
N ASP C 144 0.79 -8.40 -31.16
CA ASP C 144 -0.31 -9.32 -31.48
C ASP C 144 0.22 -10.70 -31.89
N PHE C 145 0.93 -11.33 -30.96
CA PHE C 145 1.39 -12.70 -31.16
C PHE C 145 1.13 -13.52 -29.90
N TYR C 146 1.02 -14.84 -30.09
CA TYR C 146 0.65 -15.78 -29.06
C TYR C 146 1.22 -17.13 -29.49
N PRO C 147 2.00 -17.81 -28.64
CA PRO C 147 2.40 -17.42 -27.28
C PRO C 147 3.51 -16.36 -27.26
N GLY C 148 3.80 -15.83 -26.08
CA GLY C 148 4.82 -14.81 -25.94
C GLY C 148 6.24 -15.35 -25.89
N ALA C 149 6.76 -15.79 -27.03
CA ALA C 149 8.12 -16.31 -27.12
C ALA C 149 8.61 -16.11 -28.55
N VAL C 150 9.45 -15.09 -28.76
CA VAL C 150 10.00 -14.78 -30.07
C VAL C 150 11.50 -14.57 -29.95
N THR C 151 12.18 -14.66 -31.10
CA THR C 151 13.60 -14.38 -31.20
C THR C 151 13.81 -13.39 -32.34
N VAL C 152 14.68 -12.42 -32.11
CA VAL C 152 14.88 -11.29 -33.03
C VAL C 152 16.33 -11.29 -33.50
N ALA C 153 16.51 -11.18 -34.82
CA ALA C 153 17.83 -11.08 -35.42
C ALA C 153 17.86 -9.91 -36.40
N TRP C 154 19.02 -9.28 -36.50
CA TRP C 154 19.23 -8.15 -37.40
C TRP C 154 20.35 -8.49 -38.38
N LYS C 155 20.15 -8.13 -39.65
CA LYS C 155 21.06 -8.51 -40.72
C LYS C 155 21.67 -7.28 -41.38
N ALA C 156 22.98 -7.33 -41.62
CA ALA C 156 23.70 -6.25 -42.29
C ALA C 156 23.85 -6.57 -43.77
N ASP C 157 22.70 -6.52 -44.46
CA ASP C 157 22.49 -6.76 -45.88
C ASP C 157 22.62 -8.23 -46.26
N SER C 158 23.39 -9.00 -45.48
CA SER C 158 23.21 -10.44 -45.35
C SER C 158 23.81 -10.90 -44.03
N SER C 159 24.36 -9.96 -43.28
CA SER C 159 25.43 -10.22 -42.32
C SER C 159 25.00 -9.95 -40.89
N PRO C 160 25.64 -10.59 -39.90
CA PRO C 160 25.16 -10.48 -38.52
C PRO C 160 25.28 -9.07 -37.98
N VAL C 161 24.30 -8.68 -37.15
CA VAL C 161 24.37 -7.47 -36.36
C VAL C 161 24.09 -7.89 -34.92
N LYS C 162 25.15 -8.19 -34.16
CA LYS C 162 25.02 -8.53 -32.75
C LYS C 162 25.41 -7.37 -31.83
N ALA C 163 26.14 -6.39 -32.35
CA ALA C 163 26.56 -5.24 -31.55
C ALA C 163 25.53 -4.13 -31.68
N GLY C 164 25.09 -3.60 -30.55
CA GLY C 164 24.12 -2.53 -30.53
C GLY C 164 22.68 -2.97 -30.61
N VAL C 165 22.37 -4.23 -30.28
CA VAL C 165 21.03 -4.75 -30.34
C VAL C 165 20.48 -4.84 -28.92
N GLU C 166 19.36 -4.15 -28.69
CA GLU C 166 18.63 -4.21 -27.42
C GLU C 166 17.22 -4.70 -27.70
N THR C 167 16.80 -5.76 -27.01
CA THR C 167 15.50 -6.37 -27.22
C THR C 167 14.80 -6.54 -25.88
N THR C 168 13.52 -6.17 -25.85
CA THR C 168 12.72 -6.32 -24.64
C THR C 168 12.03 -7.68 -24.62
N THR C 169 11.85 -8.21 -23.42
CA THR C 169 11.12 -9.45 -23.26
C THR C 169 9.66 -9.24 -23.64
N PRO C 170 9.00 -10.25 -24.19
CA PRO C 170 7.58 -10.12 -24.54
C PRO C 170 6.74 -9.78 -23.32
N SER C 171 5.79 -8.87 -23.50
CA SER C 171 4.93 -8.40 -22.43
C SER C 171 3.47 -8.59 -22.83
N LYS C 172 2.63 -8.88 -21.84
CA LYS C 172 1.23 -9.15 -22.09
C LYS C 172 0.50 -7.90 -22.56
N GLN C 173 -0.22 -8.02 -23.66
CA GLN C 173 -1.04 -6.92 -24.18
C GLN C 173 -2.42 -6.94 -23.52
N SER C 174 -3.15 -5.83 -23.69
CA SER C 174 -4.47 -5.73 -23.08
C SER C 174 -5.46 -6.69 -23.72
N ASN C 175 -5.25 -7.09 -24.96
CA ASN C 175 -6.11 -8.07 -25.63
C ASN C 175 -5.64 -9.50 -25.44
N ASN C 176 -4.88 -9.76 -24.37
CA ASN C 176 -4.33 -11.07 -23.98
C ASN C 176 -3.24 -11.56 -24.92
N LYS C 177 -2.91 -10.83 -25.97
CA LYS C 177 -1.79 -11.17 -26.83
C LYS C 177 -0.52 -10.57 -26.23
N TYR C 178 0.57 -10.59 -26.99
CA TYR C 178 1.87 -10.16 -26.47
C TYR C 178 2.54 -9.22 -27.46
N ALA C 179 3.42 -8.37 -26.94
CA ALA C 179 4.14 -7.39 -27.74
C ALA C 179 5.60 -7.36 -27.30
N ALA C 180 6.47 -6.95 -28.22
CA ALA C 180 7.89 -6.85 -27.96
C ALA C 180 8.49 -5.82 -28.91
N SER C 181 9.68 -5.34 -28.56
CA SER C 181 10.38 -4.35 -29.36
C SER C 181 11.88 -4.64 -29.36
N SER C 182 12.53 -4.25 -30.45
CA SER C 182 13.97 -4.42 -30.59
C SER C 182 14.56 -3.16 -31.20
N TYR C 183 15.75 -2.78 -30.74
CA TYR C 183 16.40 -1.55 -31.18
C TYR C 183 17.81 -1.87 -31.66
N LEU C 184 18.20 -1.26 -32.78
CA LEU C 184 19.57 -1.31 -33.28
C LEU C 184 20.16 0.09 -33.25
N SER C 185 21.34 0.23 -32.64
CA SER C 185 22.01 1.51 -32.51
C SER C 185 23.28 1.52 -33.35
N LEU C 186 23.46 2.58 -34.14
CA LEU C 186 24.65 2.77 -34.95
C LEU C 186 24.80 4.24 -35.28
N THR C 187 26.01 4.61 -35.71
CA THR C 187 26.26 5.94 -36.23
C THR C 187 25.75 6.03 -37.68
N PRO C 188 25.57 7.24 -38.20
CA PRO C 188 25.06 7.37 -39.57
C PRO C 188 25.93 6.70 -40.63
N GLU C 189 27.20 6.45 -40.34
CA GLU C 189 28.11 5.89 -41.35
C GLU C 189 27.69 4.49 -41.75
N GLN C 190 27.49 3.59 -40.78
CA GLN C 190 27.07 2.23 -41.12
C GLN C 190 25.67 2.22 -41.71
N TRP C 191 24.81 3.15 -41.28
CA TRP C 191 23.46 3.23 -41.85
C TRP C 191 23.51 3.55 -43.34
N LYS C 192 24.34 4.51 -43.73
CA LYS C 192 24.44 4.88 -45.14
C LYS C 192 25.25 3.89 -45.96
N SER C 193 26.28 3.29 -45.37
CA SER C 193 27.18 2.41 -46.11
C SER C 193 26.55 1.08 -46.50
N HIS C 194 25.37 0.76 -45.98
CA HIS C 194 24.70 -0.50 -46.26
C HIS C 194 23.44 -0.25 -47.08
N ARG C 195 23.17 -1.15 -48.02
CA ARG C 195 22.02 -0.99 -48.90
C ARG C 195 20.70 -1.16 -48.14
N SER C 196 20.64 -2.12 -47.22
CA SER C 196 19.40 -2.42 -46.53
C SER C 196 19.69 -2.94 -45.13
N TYR C 197 18.67 -2.91 -44.28
CA TYR C 197 18.74 -3.47 -42.94
C TYR C 197 17.45 -4.23 -42.67
N SER C 198 17.57 -5.44 -42.13
CA SER C 198 16.44 -6.34 -41.96
C SER C 198 16.27 -6.73 -40.50
N CYS C 199 15.03 -6.69 -40.03
CA CYS C 199 14.65 -7.15 -38.69
C CYS C 199 13.86 -8.44 -38.86
N GLN C 200 14.42 -9.55 -38.38
CA GLN C 200 13.83 -10.87 -38.54
C GLN C 200 13.29 -11.36 -37.21
N VAL C 201 12.04 -11.80 -37.21
CA VAL C 201 11.36 -12.28 -36.01
C VAL C 201 10.96 -13.74 -36.23
N THR C 202 11.46 -14.63 -35.38
CA THR C 202 11.14 -16.04 -35.46
C THR C 202 10.14 -16.40 -34.37
N HIS C 203 9.06 -17.08 -34.76
CA HIS C 203 7.99 -17.42 -33.83
C HIS C 203 7.39 -18.76 -34.23
N GLU C 204 7.54 -19.75 -33.35
CA GLU C 204 7.00 -21.10 -33.57
C GLU C 204 7.52 -21.72 -34.86
N GLY C 205 8.76 -21.43 -35.22
CA GLY C 205 9.35 -21.94 -36.44
C GLY C 205 8.98 -21.17 -37.70
N SER C 206 8.15 -20.13 -37.59
CA SER C 206 7.75 -19.30 -38.71
C SER C 206 8.36 -17.92 -38.55
N THR C 207 9.07 -17.46 -39.58
CA THR C 207 9.82 -16.21 -39.51
C THR C 207 9.13 -15.14 -40.35
N VAL C 208 8.99 -13.96 -39.77
CA VAL C 208 8.47 -12.77 -40.46
C VAL C 208 9.54 -11.69 -40.39
N GLU C 209 9.88 -11.11 -41.54
CA GLU C 209 10.96 -10.15 -41.62
C GLU C 209 10.49 -8.90 -42.36
N LYS C 210 11.12 -7.77 -42.00
CA LYS C 210 10.90 -6.50 -42.68
C LYS C 210 12.24 -5.86 -42.98
N THR C 211 12.28 -5.04 -44.03
CA THR C 211 13.53 -4.43 -44.48
C THR C 211 13.31 -2.96 -44.76
N VAL C 212 14.32 -2.15 -44.43
CA VAL C 212 14.30 -0.71 -44.69
C VAL C 212 15.59 -0.34 -45.41
N ALA C 213 15.54 0.81 -46.11
CA ALA C 213 16.65 1.29 -46.90
C ALA C 213 16.90 2.77 -46.62
N PRO C 214 18.14 3.22 -46.76
CA PRO C 214 18.44 4.65 -46.57
C PRO C 214 18.03 5.54 -47.73
N THR C 215 17.33 5.01 -48.73
CA THR C 215 16.89 5.81 -49.87
C THR C 215 15.70 6.68 -49.51
#